data_4GB5
#
_entry.id   4GB5
#
_cell.length_a   57.948
_cell.length_b   57.948
_cell.length_c   81.605
_cell.angle_alpha   90.00
_cell.angle_beta   90.00
_cell.angle_gamma   120.00
#
_symmetry.space_group_name_H-M   'P 63'
#
loop_
_entity.id
_entity.type
_entity.pdbx_description
1 polymer 'Uncharacterized protein'
2 non-polymer 'PHOSPHATE ION'
3 non-polymer 'TRIETHYLENE GLYCOL'
4 water water
#
_entity_poly.entity_id   1
_entity_poly.type   'polypeptide(L)'
_entity_poly.pdbx_seq_one_letter_code
;SNA(MSE)DAETDRAEIIELFGRYADIADLKEFTDLPRRVHTDPLTIDFESVTG(MSE)PP(MSE)TVPLSDYGAALRAS
FGAFSATHHAITGHVVTIDSDRATIHAHVRAEHWLPAEVAGDGPDRWLVVGFYDNEAVRTADGWRLSSVKLTASYQENAH
LARAAAAGQAG
;
_entity_poly.pdbx_strand_id   A
#
# COMPACT_ATOMS: atom_id res chain seq x y z
N ASP A 5 -6.01 25.34 -2.61
CA ASP A 5 -4.61 25.74 -2.71
C ASP A 5 -3.67 24.60 -2.31
N ALA A 6 -2.45 24.98 -1.94
CA ALA A 6 -1.41 24.02 -1.59
C ALA A 6 -1.79 23.17 -0.39
N GLU A 7 -2.51 23.77 0.56
CA GLU A 7 -2.89 23.01 1.75
C GLU A 7 -4.02 22.07 1.44
N THR A 8 -4.89 22.42 0.49
CA THR A 8 -5.91 21.46 0.11
C THR A 8 -5.26 20.28 -0.58
N ASP A 9 -4.29 20.56 -1.45
CA ASP A 9 -3.56 19.48 -2.13
C ASP A 9 -2.88 18.57 -1.11
N ARG A 10 -2.21 19.14 -0.13
CA ARG A 10 -1.53 18.35 0.89
C ARG A 10 -2.51 17.48 1.63
N ALA A 11 -3.63 18.05 2.05
CA ALA A 11 -4.60 17.27 2.82
C ALA A 11 -5.18 16.12 1.95
N GLU A 12 -5.43 16.39 0.67
N GLU A 12 -5.43 16.38 0.68
CA GLU A 12 -5.95 15.39 -0.25
CA GLU A 12 -5.96 15.37 -0.22
C GLU A 12 -4.94 14.26 -0.43
C GLU A 12 -4.93 14.25 -0.45
N ILE A 13 -3.66 14.63 -0.54
CA ILE A 13 -2.57 13.65 -0.72
C ILE A 13 -2.46 12.80 0.53
N ILE A 14 -2.51 13.41 1.72
CA ILE A 14 -2.46 12.61 2.95
C ILE A 14 -3.67 11.68 3.00
N GLU A 15 -4.84 12.17 2.67
CA GLU A 15 -6.04 11.33 2.71
C GLU A 15 -5.91 10.15 1.77
N LEU A 16 -5.21 10.29 0.65
CA LEU A 16 -5.02 9.15 -0.25
C LEU A 16 -4.41 7.97 0.44
N PHE A 17 -3.57 8.22 1.44
CA PHE A 17 -2.97 7.12 2.18
C PHE A 17 -3.98 6.41 3.07
N GLY A 18 -5.02 7.11 3.54
CA GLY A 18 -6.13 6.46 4.23
C GLY A 18 -6.87 5.52 3.29
N ARG A 19 -7.18 6.00 2.09
N ARG A 19 -7.17 5.99 2.08
CA ARG A 19 -7.84 5.20 1.08
CA ARG A 19 -7.85 5.16 1.11
C ARG A 19 -6.95 4.04 0.62
C ARG A 19 -6.94 4.03 0.59
N TYR A 20 -5.64 4.26 0.53
CA TYR A 20 -4.70 3.21 0.16
C TYR A 20 -4.77 2.07 1.17
N ALA A 21 -4.73 2.42 2.43
CA ALA A 21 -4.83 1.42 3.51
C ALA A 21 -6.16 0.71 3.49
N ASP A 22 -7.19 1.42 3.10
CA ASP A 22 -8.51 0.81 2.98
C ASP A 22 -8.58 -0.26 1.87
N ILE A 23 -7.86 -0.08 0.75
CA ILE A 23 -7.85 -1.10 -0.31
C ILE A 23 -7.53 -2.44 0.29
N ALA A 24 -6.41 -2.52 0.99
CA ALA A 24 -5.99 -3.78 1.54
C ALA A 24 -6.88 -4.22 2.68
N ASP A 25 -7.15 -3.32 3.61
CA ASP A 25 -7.72 -3.75 4.88
C ASP A 25 -9.24 -3.97 4.80
N LEU A 26 -9.90 -3.33 3.86
CA LEU A 26 -11.32 -3.66 3.53
C LEU A 26 -11.42 -4.69 2.41
N LYS A 27 -10.29 -5.12 1.85
N LYS A 27 -10.30 -5.12 1.86
CA LYS A 27 -10.19 -6.08 0.73
CA LYS A 27 -10.29 -6.09 0.78
C LYS A 27 -11.04 -5.70 -0.48
C LYS A 27 -11.24 -5.62 -0.30
N GLU A 28 -10.94 -4.44 -0.84
CA GLU A 28 -11.72 -3.86 -1.90
C GLU A 28 -10.79 -3.49 -3.02
N PHE A 29 -10.59 -4.45 -3.91
CA PHE A 29 -9.55 -4.34 -4.94
C PHE A 29 -10.04 -3.96 -6.32
N THR A 30 -11.30 -3.55 -6.41
CA THR A 30 -11.93 -3.29 -7.70
C THR A 30 -12.19 -1.82 -7.94
N ASP A 31 -13.02 -1.21 -7.10
CA ASP A 31 -13.37 0.21 -7.22
C ASP A 31 -12.31 1.16 -6.61
N LEU A 32 -11.96 0.92 -5.36
CA LEU A 32 -11.07 1.81 -4.60
C LEU A 32 -9.73 2.03 -5.34
N PRO A 33 -9.11 0.96 -5.93
CA PRO A 33 -7.82 1.27 -6.58
C PRO A 33 -7.94 2.34 -7.67
N ARG A 34 -9.06 2.44 -8.36
CA ARG A 34 -9.21 3.49 -9.35
C ARG A 34 -9.30 4.88 -8.75
N ARG A 35 -9.77 4.95 -7.51
CA ARG A 35 -9.87 6.21 -6.79
C ARG A 35 -8.57 6.61 -6.14
N VAL A 36 -7.65 5.65 -5.99
CA VAL A 36 -6.37 5.89 -5.30
C VAL A 36 -5.13 5.99 -6.18
N HIS A 37 -5.12 5.21 -7.25
CA HIS A 37 -3.93 5.02 -8.10
C HIS A 37 -4.14 5.46 -9.54
N THR A 38 -3.03 5.81 -10.16
CA THR A 38 -3.03 5.92 -11.61
C THR A 38 -3.06 4.55 -12.31
N ASP A 39 -3.35 4.57 -13.62
CA ASP A 39 -3.31 3.38 -14.47
C ASP A 39 -2.51 3.78 -15.69
N PRO A 40 -1.29 3.24 -15.84
CA PRO A 40 -0.65 2.23 -14.99
C PRO A 40 -0.08 2.80 -13.71
N LEU A 41 0.47 1.90 -12.91
CA LEU A 41 1.02 2.19 -11.59
C LEU A 41 2.43 1.61 -11.52
N THR A 42 3.40 2.36 -10.98
CA THR A 42 4.70 1.80 -10.71
C THR A 42 4.76 1.27 -9.27
N ILE A 43 5.24 0.04 -9.11
CA ILE A 43 5.34 -0.58 -7.80
C ILE A 43 6.72 -1.13 -7.53
N ASP A 44 7.19 -0.98 -6.30
CA ASP A 44 8.45 -1.51 -5.87
C ASP A 44 8.32 -2.02 -4.45
N PHE A 45 8.21 -3.34 -4.33
CA PHE A 45 8.16 -4.00 -3.04
C PHE A 45 9.40 -4.86 -2.88
N GLU A 46 10.44 -4.52 -3.63
CA GLU A 46 11.64 -5.37 -3.69
C GLU A 46 12.27 -5.65 -2.33
N SER A 47 12.26 -4.63 -1.47
N SER A 47 12.29 -4.66 -1.46
CA SER A 47 12.76 -4.74 -0.09
CA SER A 47 12.85 -4.85 -0.13
C SER A 47 12.10 -5.85 0.73
C SER A 47 12.18 -6.01 0.61
N VAL A 48 10.90 -6.25 0.31
CA VAL A 48 10.17 -7.34 0.94
C VAL A 48 10.12 -8.57 0.06
N THR A 49 9.90 -8.41 -1.23
CA THR A 49 9.72 -9.62 -2.06
C THR A 49 10.89 -10.01 -2.96
N GLY A 50 11.83 -9.11 -3.16
CA GLY A 50 12.93 -9.38 -4.07
C GLY A 50 12.56 -9.20 -5.53
N PRO A 52 11.83 -6.97 -8.60
CA PRO A 52 12.26 -5.61 -8.92
C PRO A 52 11.09 -4.67 -9.27
N PRO A 53 11.34 -3.37 -9.29
CA PRO A 53 10.28 -2.43 -9.66
C PRO A 53 9.67 -2.77 -11.01
N THR A 55 6.22 -1.41 -13.78
CA THR A 55 5.09 -0.52 -14.05
C THR A 55 4.05 -1.42 -14.69
N VAL A 56 2.87 -1.50 -14.05
CA VAL A 56 1.87 -2.50 -14.39
C VAL A 56 0.50 -1.88 -14.60
N PRO A 57 -0.32 -2.48 -15.46
CA PRO A 57 -1.70 -2.03 -15.51
C PRO A 57 -2.37 -2.12 -14.16
N LEU A 58 -3.24 -1.17 -13.89
CA LEU A 58 -3.90 -1.15 -12.60
C LEU A 58 -4.76 -2.40 -12.37
N SER A 59 -5.40 -2.96 -13.41
CA SER A 59 -6.23 -4.12 -13.18
C SER A 59 -5.37 -5.35 -12.81
N ASP A 60 -4.16 -5.42 -13.35
CA ASP A 60 -3.24 -6.48 -12.96
C ASP A 60 -2.86 -6.34 -11.48
N TYR A 61 -2.54 -5.11 -11.07
CA TYR A 61 -2.14 -4.84 -9.69
C TYR A 61 -3.29 -5.24 -8.79
N GLY A 62 -4.51 -4.81 -9.11
CA GLY A 62 -5.65 -5.17 -8.28
C GLY A 62 -5.86 -6.67 -8.18
N ALA A 63 -5.73 -7.40 -9.28
CA ALA A 63 -5.93 -8.84 -9.29
C ALA A 63 -4.85 -9.52 -8.45
N ALA A 64 -3.62 -9.01 -8.56
CA ALA A 64 -2.52 -9.55 -7.79
C ALA A 64 -2.72 -9.33 -6.29
N LEU A 65 -3.16 -8.11 -5.92
CA LEU A 65 -3.49 -7.82 -4.52
C LEU A 65 -4.62 -8.71 -4.01
N ARG A 66 -5.64 -8.90 -4.83
CA ARG A 66 -6.72 -9.77 -4.41
C ARG A 66 -6.24 -11.18 -4.12
N ALA A 67 -5.43 -11.73 -5.01
CA ALA A 67 -4.86 -13.05 -4.80
C ALA A 67 -4.00 -13.15 -3.55
N SER A 68 -3.09 -12.20 -3.40
N SER A 68 -3.10 -12.20 -3.36
CA SER A 68 -2.16 -12.20 -2.28
CA SER A 68 -2.16 -12.30 -2.24
C SER A 68 -2.90 -12.06 -0.96
C SER A 68 -2.83 -12.02 -0.88
N PHE A 69 -3.66 -10.98 -0.80
CA PHE A 69 -4.34 -10.67 0.44
C PHE A 69 -5.42 -11.71 0.77
N GLY A 70 -5.79 -12.54 -0.20
CA GLY A 70 -6.68 -13.67 0.06
C GLY A 70 -6.11 -14.72 0.99
N ALA A 71 -4.80 -14.69 1.21
CA ALA A 71 -4.14 -15.58 2.11
C ALA A 71 -4.39 -15.18 3.58
N PHE A 72 -4.85 -13.95 3.81
CA PHE A 72 -4.95 -13.41 5.19
C PHE A 72 -6.35 -13.28 5.68
N SER A 73 -6.56 -13.65 6.95
CA SER A 73 -7.85 -13.42 7.56
C SER A 73 -8.17 -11.94 7.68
N ALA A 74 -7.14 -11.15 7.96
CA ALA A 74 -7.28 -9.73 8.09
C ALA A 74 -5.91 -9.11 7.94
N THR A 75 -5.90 -7.84 7.63
CA THR A 75 -4.70 -7.05 7.67
C THR A 75 -5.01 -5.69 8.29
N HIS A 76 -3.96 -4.99 8.76
CA HIS A 76 -4.09 -3.62 9.22
C HIS A 76 -2.82 -2.86 8.86
N HIS A 77 -3.01 -1.81 8.09
CA HIS A 77 -1.96 -0.89 7.73
C HIS A 77 -2.12 0.39 8.48
N ALA A 78 -1.14 0.71 9.34
CA ALA A 78 -1.12 1.98 10.06
C ALA A 78 -0.06 2.85 9.41
N ILE A 79 -0.50 3.85 8.68
CA ILE A 79 0.39 4.76 7.91
C ILE A 79 0.39 6.12 8.61
N THR A 80 1.59 6.57 8.96
CA THR A 80 1.74 7.75 9.78
C THR A 80 2.91 8.59 9.32
N GLY A 81 3.03 9.81 9.84
CA GLY A 81 4.28 10.55 9.63
C GLY A 81 4.52 11.05 8.22
N HIS A 82 3.47 11.48 7.53
CA HIS A 82 3.57 11.88 6.12
C HIS A 82 4.43 13.11 5.94
N VAL A 83 5.40 13.04 5.03
CA VAL A 83 6.25 14.16 4.68
C VAL A 83 6.03 14.36 3.19
N VAL A 84 5.32 15.47 2.86
CA VAL A 84 4.76 15.69 1.52
C VAL A 84 5.44 16.88 0.88
N THR A 85 5.94 16.69 -0.34
CA THR A 85 6.53 17.77 -1.10
C THR A 85 5.78 17.89 -2.39
N ILE A 86 5.21 19.06 -2.68
CA ILE A 86 4.35 19.25 -3.83
C ILE A 86 4.99 20.22 -4.82
N ASP A 87 4.91 19.90 -6.10
CA ASP A 87 5.37 20.78 -7.16
C ASP A 87 4.30 20.72 -8.22
N SER A 88 3.39 21.69 -8.16
CA SER A 88 2.25 21.79 -9.07
C SER A 88 1.40 20.53 -9.10
N ASP A 89 1.49 19.73 -10.17
CA ASP A 89 0.65 18.52 -10.29
C ASP A 89 1.41 17.22 -9.96
N ARG A 90 2.55 17.35 -9.30
CA ARG A 90 3.29 16.17 -8.79
C ARG A 90 3.63 16.34 -7.32
N ALA A 91 3.76 15.22 -6.62
CA ALA A 91 4.20 15.26 -5.26
C ALA A 91 5.01 14.02 -4.94
N THR A 92 5.87 14.15 -3.95
CA THR A 92 6.49 12.99 -3.30
C THR A 92 6.00 12.88 -1.88
N ILE A 93 5.85 11.66 -1.41
CA ILE A 93 5.47 11.46 -0.03
C ILE A 93 6.34 10.37 0.56
N HIS A 94 6.93 10.70 1.69
CA HIS A 94 7.60 9.73 2.54
C HIS A 94 6.72 9.49 3.75
N ALA A 95 6.52 8.25 4.12
CA ALA A 95 5.70 7.98 5.30
C ALA A 95 6.17 6.75 6.03
N HIS A 96 5.79 6.63 7.29
CA HIS A 96 5.94 5.39 8.04
C HIS A 96 4.76 4.46 7.78
N VAL A 97 5.05 3.16 7.75
CA VAL A 97 4.03 2.13 7.71
C VAL A 97 4.32 1.00 8.64
N ARG A 98 3.27 0.57 9.34
CA ARG A 98 3.27 -0.66 10.12
C ARG A 98 2.14 -1.53 9.60
N ALA A 99 2.49 -2.67 8.97
CA ALA A 99 1.48 -3.49 8.28
C ALA A 99 1.46 -4.85 8.96
N GLU A 100 0.31 -5.21 9.50
CA GLU A 100 0.06 -6.48 10.15
C GLU A 100 -0.77 -7.35 9.22
N HIS A 101 -0.43 -8.64 9.13
CA HIS A 101 -1.17 -9.58 8.27
C HIS A 101 -1.35 -10.88 9.08
N TRP A 102 -2.60 -11.25 9.33
CA TRP A 102 -2.92 -12.44 10.10
C TRP A 102 -3.31 -13.58 9.22
N LEU A 103 -2.64 -14.70 9.42
CA LEU A 103 -2.97 -15.93 8.70
C LEU A 103 -4.10 -16.64 9.43
N PRO A 104 -4.96 -17.33 8.68
CA PRO A 104 -5.97 -18.14 9.33
C PRO A 104 -5.34 -19.27 10.12
N ALA A 105 -6.04 -19.71 11.15
CA ALA A 105 -5.62 -20.81 11.96
C ALA A 105 -5.35 -22.10 11.17
N GLU A 106 -6.11 -22.31 10.10
CA GLU A 106 -5.98 -23.53 9.29
C GLU A 106 -4.57 -23.57 8.69
N VAL A 107 -3.97 -22.41 8.50
CA VAL A 107 -2.61 -22.32 7.93
C VAL A 107 -1.53 -22.14 9.01
N ALA A 108 -1.81 -21.33 10.02
CA ALA A 108 -0.84 -21.04 11.05
C ALA A 108 -0.64 -22.19 12.02
N GLY A 109 -1.64 -23.05 12.17
CA GLY A 109 -1.50 -24.17 13.08
C GLY A 109 -1.21 -23.62 14.45
N ASP A 110 -0.29 -24.26 15.15
CA ASP A 110 0.02 -23.89 16.53
C ASP A 110 1.16 -22.88 16.62
N GLY A 111 1.57 -22.36 15.47
CA GLY A 111 2.71 -21.47 15.40
C GLY A 111 2.29 -20.01 15.31
N PRO A 112 3.27 -19.16 14.98
CA PRO A 112 2.96 -17.74 14.84
C PRO A 112 1.94 -17.52 13.73
N ASP A 113 1.14 -16.47 13.86
CA ASP A 113 0.14 -16.24 12.86
C ASP A 113 0.15 -14.83 12.30
N ARG A 114 1.09 -14.01 12.72
CA ARG A 114 1.06 -12.61 12.27
C ARG A 114 2.36 -12.21 11.62
N TRP A 115 2.28 -11.84 10.35
CA TRP A 115 3.41 -11.32 9.59
C TRP A 115 3.38 -9.80 9.74
N LEU A 116 4.45 -9.27 10.31
CA LEU A 116 4.62 -7.84 10.51
C LEU A 116 5.66 -7.26 9.60
N VAL A 117 5.31 -6.19 8.90
CA VAL A 117 6.28 -5.41 8.16
C VAL A 117 6.24 -4.00 8.69
N VAL A 118 7.39 -3.46 9.10
CA VAL A 118 7.51 -2.05 9.43
C VAL A 118 8.51 -1.41 8.48
N GLY A 119 8.34 -0.13 8.21
CA GLY A 119 9.26 0.57 7.34
C GLY A 119 8.58 1.79 6.77
N PHE A 120 8.86 2.05 5.50
CA PHE A 120 8.53 3.35 4.92
C PHE A 120 7.97 3.20 3.52
N TYR A 121 7.06 4.12 3.19
CA TYR A 121 6.69 4.36 1.82
C TYR A 121 7.47 5.56 1.33
N ASP A 122 7.93 5.48 0.08
CA ASP A 122 8.49 6.61 -0.63
C ASP A 122 7.83 6.64 -1.99
N ASN A 123 6.73 7.38 -2.03
CA ASN A 123 5.75 7.31 -3.10
C ASN A 123 5.70 8.59 -3.91
N GLU A 124 5.09 8.52 -5.08
CA GLU A 124 4.80 9.70 -5.89
C GLU A 124 3.32 9.80 -6.15
N ALA A 125 2.83 11.02 -6.24
CA ALA A 125 1.43 11.26 -6.62
C ALA A 125 1.36 12.24 -7.76
N VAL A 126 0.28 12.17 -8.52
CA VAL A 126 0.01 13.09 -9.59
C VAL A 126 -1.41 13.61 -9.49
N ARG A 127 -1.56 14.86 -9.86
CA ARG A 127 -2.88 15.46 -9.84
C ARG A 127 -3.57 15.17 -11.17
N THR A 128 -4.54 14.26 -11.13
CA THR A 128 -5.29 13.95 -12.34
C THR A 128 -6.50 14.81 -12.43
N ALA A 129 -7.21 14.70 -13.55
CA ALA A 129 -8.44 15.43 -13.69
C ALA A 129 -9.51 15.04 -12.67
N ASP A 130 -9.36 13.86 -12.08
CA ASP A 130 -10.30 13.37 -11.07
C ASP A 130 -9.67 13.40 -9.66
N GLY A 131 -8.64 14.21 -9.49
CA GLY A 131 -8.01 14.39 -8.20
C GLY A 131 -6.66 13.72 -8.09
N TRP A 132 -6.02 13.89 -6.95
CA TRP A 132 -4.71 13.28 -6.70
C TRP A 132 -4.78 11.78 -6.76
N ARG A 133 -3.74 11.16 -7.31
CA ARG A 133 -3.60 9.71 -7.32
C ARG A 133 -2.16 9.31 -7.06
N LEU A 134 -1.98 8.16 -6.44
CA LEU A 134 -0.66 7.63 -6.20
C LEU A 134 -0.18 6.89 -7.45
N SER A 135 0.90 7.39 -8.05
CA SER A 135 1.44 6.89 -9.31
C SER A 135 2.63 5.96 -9.14
N SER A 136 3.28 6.02 -7.99
CA SER A 136 4.37 5.11 -7.68
C SER A 136 4.34 4.78 -6.20
N VAL A 137 4.44 3.49 -5.87
CA VAL A 137 4.51 3.02 -4.49
C VAL A 137 5.82 2.28 -4.30
N LYS A 138 6.56 2.67 -3.28
CA LYS A 138 7.79 1.97 -2.96
C LYS A 138 7.83 1.72 -1.46
N LEU A 139 7.96 0.46 -1.07
CA LEU A 139 7.99 0.08 0.29
C LEU A 139 9.40 -0.38 0.62
N THR A 140 10.00 0.23 1.63
CA THR A 140 11.31 -0.16 2.17
C THR A 140 11.10 -0.68 3.59
N ALA A 141 11.36 -1.96 3.84
CA ALA A 141 11.18 -2.52 5.17
C ALA A 141 12.37 -2.25 6.08
N SER A 142 12.11 -1.78 7.28
CA SER A 142 13.15 -1.70 8.28
C SER A 142 13.26 -3.00 9.07
N TYR A 143 12.16 -3.75 9.17
CA TYR A 143 12.10 -4.95 9.97
C TYR A 143 10.88 -5.75 9.54
N GLN A 144 10.99 -7.08 9.64
CA GLN A 144 9.86 -7.96 9.48
C GLN A 144 9.86 -9.01 10.56
N GLU A 145 8.67 -9.38 10.99
CA GLU A 145 8.49 -10.52 11.89
C GLU A 145 7.65 -11.58 11.22
N ASN A 146 8.13 -12.82 11.29
CA ASN A 146 7.42 -13.96 10.70
C ASN A 146 7.25 -13.84 9.19
N ALA A 147 8.29 -13.37 8.49
CA ALA A 147 8.21 -13.23 7.04
C ALA A 147 7.97 -14.55 6.34
N HIS A 148 8.36 -15.65 6.98
CA HIS A 148 8.13 -16.97 6.39
C HIS A 148 6.64 -17.24 6.18
N LEU A 149 5.77 -16.57 6.93
CA LEU A 149 4.32 -16.75 6.76
C LEU A 149 3.81 -16.16 5.44
N ALA A 150 4.49 -15.15 4.92
CA ALA A 150 4.12 -14.58 3.63
C ALA A 150 4.31 -15.61 2.53
N ARG A 151 5.16 -16.59 2.80
CA ARG A 151 5.41 -17.70 1.89
C ARG A 151 4.44 -18.83 2.22
N ALA A 152 4.42 -19.21 3.50
CA ALA A 152 3.48 -20.22 3.98
C ALA A 152 2.06 -19.82 3.66
#